data_5FS0
#
_entry.id   5FS0
#
_cell.length_a   46.693
_cell.length_b   70.872
_cell.length_c   104.852
_cell.angle_alpha   90.00
_cell.angle_beta   90.00
_cell.angle_gamma   90.00
#
_symmetry.space_group_name_H-M   'P 21 21 21'
#
loop_
_entity.id
_entity.type
_entity.pdbx_description
1 polymer 'Positive phenol-degradative gene regulator'
2 non-polymer 2,4-dichlorophenol
3 non-polymer 'ZINC ION'
4 water water
#
_entity_poly.entity_id   1
_entity_poly.type   'polypeptide(L)'
_entity_poly.pdbx_seq_one_letter_code
;MSSSTDNFSATMRDGLSNLARRLRFAMKEGSIWLGEQRMILLHTAALGALRKELVDTLGMERARGLFMRMGFHSGVRDAE
LAKTMRSGHSDFGMLEMGPCLHTIEGVVRVTPLTVDINIAAGVYHGEFLWEDSFEGDVHRQMFGVAQAPVCWMQIGYATG
YTSALMGKTILYRELECVGCGHPHCRILGKPLEQWEDGEAELALYQPDPVI
;
_entity_poly.pdbx_strand_id   A,B
#
loop_
_chem_comp.id
_chem_comp.type
_chem_comp.name
_chem_comp.formula
5JC non-polymer 2,4-dichlorophenol 'C6 H4 Cl2 O'
ZN non-polymer 'ZINC ION' 'Zn 2'
#
# COMPACT_ATOMS: atom_id res chain seq x y z
N ARG A 13 19.65 -18.83 9.21
CA ARG A 13 18.39 -19.43 8.85
C ARG A 13 17.55 -18.36 8.17
N ASP A 14 17.83 -17.11 8.52
CA ASP A 14 17.22 -15.95 7.91
C ASP A 14 18.08 -15.31 6.82
N GLY A 15 17.38 -15.02 5.74
CA GLY A 15 17.88 -14.28 4.61
C GLY A 15 17.50 -12.82 4.64
N LEU A 16 16.99 -12.37 5.80
CA LEU A 16 16.58 -10.98 5.97
C LEU A 16 17.74 -10.03 5.72
N SER A 17 18.95 -10.47 6.06
CA SER A 17 20.14 -9.66 5.88
C SER A 17 20.47 -9.52 4.40
N ASN A 18 20.58 -10.66 3.70
CA ASN A 18 20.92 -10.65 2.28
C ASN A 18 19.90 -9.91 1.44
N LEU A 19 18.66 -9.92 1.89
CA LEU A 19 17.57 -9.28 1.15
C LEU A 19 17.36 -7.81 1.52
N ALA A 20 17.92 -7.37 2.64
CA ALA A 20 17.76 -5.99 3.11
C ALA A 20 18.69 -5.02 2.34
N ARG A 21 19.83 -5.53 1.89
CA ARG A 21 20.72 -4.77 1.01
C ARG A 21 19.99 -4.33 -0.25
N ARG A 22 18.89 -5.02 -0.56
CA ARG A 22 18.11 -4.77 -1.77
C ARG A 22 17.08 -3.66 -1.58
N LEU A 23 16.99 -3.13 -0.37
CA LEU A 23 15.98 -2.13 -0.01
C LEU A 23 16.59 -0.74 0.15
N ARG A 24 16.28 0.18 -0.77
CA ARG A 24 16.88 1.50 -0.74
C ARG A 24 15.84 2.59 -0.49
N PHE A 25 16.10 3.38 0.55
CA PHE A 25 15.27 4.53 0.83
C PHE A 25 15.95 5.77 0.28
N ALA A 26 15.25 6.49 -0.59
CA ALA A 26 15.83 7.69 -1.21
C ALA A 26 14.99 8.89 -0.85
N MET A 27 15.19 9.36 0.38
CA MET A 27 14.44 10.46 0.96
C MET A 27 14.62 11.74 0.16
N LYS A 28 15.72 11.85 -0.58
CA LYS A 28 15.99 13.03 -1.39
C LYS A 28 15.58 12.80 -2.85
N GLU A 29 14.61 11.92 -3.04
CA GLU A 29 14.02 11.71 -4.35
C GLU A 29 12.53 11.43 -4.12
N GLY A 30 12.20 11.06 -2.89
CA GLY A 30 10.85 10.66 -2.51
C GLY A 30 10.44 9.28 -3.04
N SER A 31 11.38 8.35 -3.14
CA SER A 31 11.08 7.02 -3.66
C SER A 31 11.66 5.91 -2.78
N ILE A 32 11.02 4.75 -2.82
CA ILE A 32 11.58 3.55 -2.19
C ILE A 32 11.69 2.43 -3.21
N TRP A 33 12.75 1.64 -3.12
CA TRP A 33 12.99 0.59 -4.10
C TRP A 33 13.37 -0.72 -3.42
N LEU A 34 12.59 -1.77 -3.64
CA LEU A 34 12.99 -3.10 -3.21
C LEU A 34 13.46 -3.89 -4.44
N GLY A 35 14.77 -4.06 -4.55
CA GLY A 35 15.33 -4.57 -5.78
C GLY A 35 15.05 -3.57 -6.90
N GLU A 36 14.36 -4.03 -7.93
CA GLU A 36 14.08 -3.19 -9.08
C GLU A 36 12.60 -2.79 -9.13
N GLN A 37 11.87 -3.02 -8.04
CA GLN A 37 10.48 -2.57 -7.94
C GLN A 37 10.39 -1.40 -6.99
N ARG A 38 9.69 -0.36 -7.45
CA ARG A 38 9.39 0.78 -6.61
C ARG A 38 8.29 0.45 -5.62
N MET A 39 8.47 0.88 -4.37
CA MET A 39 7.50 0.63 -3.31
C MET A 39 6.94 1.94 -2.73
N ILE A 40 5.79 1.86 -2.06
CA ILE A 40 5.39 2.95 -1.18
C ILE A 40 5.15 2.38 0.20
N LEU A 41 5.24 3.25 1.21
CA LEU A 41 4.79 2.91 2.55
C LEU A 41 3.37 3.38 2.66
N LEU A 42 2.48 2.44 2.96
CA LEU A 42 1.05 2.72 2.98
C LEU A 42 0.47 2.36 4.35
N HIS A 43 -0.34 3.27 4.91
CA HIS A 43 -0.99 3.03 6.18
C HIS A 43 -2.00 1.88 6.08
N THR A 44 -1.88 0.90 6.96
CA THR A 44 -2.82 -0.21 6.97
C THR A 44 -4.27 0.26 7.19
N ALA A 45 -4.44 1.39 7.86
CA ALA A 45 -5.77 1.95 8.07
C ALA A 45 -6.31 2.56 6.78
N ALA A 46 -5.41 2.99 5.91
CA ALA A 46 -5.79 3.43 4.57
C ALA A 46 -6.29 2.25 3.73
N LEU A 47 -5.59 1.13 3.82
CA LEU A 47 -6.01 -0.06 3.10
C LEU A 47 -7.26 -0.65 3.73
N GLY A 48 -7.38 -0.56 5.04
CA GLY A 48 -8.60 -0.97 5.74
C GLY A 48 -9.81 -0.23 5.22
N ALA A 49 -9.75 1.10 5.17
CA ALA A 49 -10.86 1.90 4.67
C ALA A 49 -11.20 1.57 3.21
N LEU A 50 -10.19 1.28 2.41
CA LEU A 50 -10.47 0.87 1.04
C LEU A 50 -11.20 -0.47 1.04
N ARG A 51 -10.80 -1.38 1.93
CA ARG A 51 -11.43 -2.69 1.99
C ARG A 51 -12.90 -2.58 2.37
N LYS A 52 -13.19 -1.68 3.32
CA LYS A 52 -14.55 -1.45 3.78
C LYS A 52 -15.44 -1.02 2.61
N GLU A 53 -14.99 -0.03 1.85
CA GLU A 53 -15.75 0.44 0.70
C GLU A 53 -15.93 -0.63 -0.36
N LEU A 54 -14.95 -1.53 -0.45
CA LEU A 54 -14.96 -2.56 -1.48
C LEU A 54 -15.91 -3.70 -1.10
N VAL A 55 -15.90 -4.10 0.16
CA VAL A 55 -16.83 -5.14 0.58
C VAL A 55 -18.26 -4.60 0.59
N ASP A 56 -18.44 -3.40 1.16
CA ASP A 56 -19.76 -2.77 1.25
C ASP A 56 -20.41 -2.58 -0.12
N THR A 57 -19.65 -2.12 -1.10
CA THR A 57 -20.27 -1.87 -2.40
C THR A 57 -20.18 -3.04 -3.39
N LEU A 58 -19.16 -3.89 -3.27
CA LEU A 58 -18.95 -4.97 -4.25
C LEU A 58 -19.23 -6.36 -3.66
N GLY A 59 -19.40 -6.44 -2.34
CA GLY A 59 -19.61 -7.71 -1.68
C GLY A 59 -18.31 -8.33 -1.23
N MET A 60 -18.37 -9.23 -0.24
CA MET A 60 -17.17 -9.87 0.28
C MET A 60 -16.45 -10.66 -0.81
N GLU A 61 -17.22 -11.18 -1.76
CA GLU A 61 -16.72 -12.11 -2.76
C GLU A 61 -15.82 -11.40 -3.77
N ARG A 62 -16.32 -10.33 -4.37
CA ARG A 62 -15.56 -9.58 -5.34
C ARG A 62 -14.36 -8.88 -4.69
N ALA A 63 -14.59 -8.24 -3.55
CA ALA A 63 -13.53 -7.63 -2.77
C ALA A 63 -12.39 -8.60 -2.49
N ARG A 64 -12.72 -9.83 -2.11
CA ARG A 64 -11.68 -10.81 -1.82
C ARG A 64 -10.82 -11.10 -3.04
N GLY A 65 -11.44 -11.12 -4.22
CA GLY A 65 -10.72 -11.38 -5.46
C GLY A 65 -9.70 -10.29 -5.76
N LEU A 66 -10.15 -9.03 -5.65
CA LEU A 66 -9.31 -7.86 -5.92
C LEU A 66 -8.04 -7.86 -5.05
N PHE A 67 -8.18 -8.26 -3.80
CA PHE A 67 -7.06 -8.26 -2.86
C PHE A 67 -6.13 -9.43 -3.09
N MET A 68 -6.70 -10.60 -3.36
CA MET A 68 -5.91 -11.79 -3.65
C MET A 68 -5.04 -11.56 -4.89
N ARG A 69 -5.60 -10.89 -5.89
CA ARG A 69 -4.83 -10.58 -7.10
C ARG A 69 -3.78 -9.49 -6.85
N MET A 70 -4.11 -8.49 -6.03
CA MET A 70 -3.12 -7.48 -5.69
C MET A 70 -1.96 -8.21 -5.01
N GLY A 71 -2.30 -9.09 -4.08
CA GLY A 71 -1.34 -9.94 -3.40
C GLY A 71 -0.50 -10.78 -4.33
N PHE A 72 -1.17 -11.39 -5.31
CA PHE A 72 -0.55 -12.21 -6.34
C PHE A 72 0.50 -11.41 -7.13
N HIS A 73 0.11 -10.25 -7.65
CA HIS A 73 1.07 -9.40 -8.35
C HIS A 73 2.31 -9.09 -7.50
N SER A 74 2.11 -8.84 -6.21
CA SER A 74 3.24 -8.53 -5.32
C SER A 74 4.20 -9.71 -5.18
N GLY A 75 3.63 -10.90 -4.99
CA GLY A 75 4.42 -12.11 -4.79
C GLY A 75 5.22 -12.47 -6.03
N VAL A 76 4.63 -12.25 -7.20
CA VAL A 76 5.28 -12.56 -8.46
C VAL A 76 6.49 -11.66 -8.66
N ARG A 77 6.36 -10.38 -8.27
CA ARG A 77 7.48 -9.45 -8.41
C ARG A 77 8.65 -9.81 -7.51
N ASP A 78 8.34 -10.27 -6.30
CA ASP A 78 9.35 -10.65 -5.33
C ASP A 78 10.03 -11.97 -5.70
N ALA A 79 9.31 -12.85 -6.38
CA ALA A 79 9.93 -14.04 -6.98
C ALA A 79 10.98 -13.64 -8.04
N GLU A 80 10.67 -12.63 -8.83
CA GLU A 80 11.62 -12.13 -9.83
C GLU A 80 12.91 -11.64 -9.15
N LEU A 81 12.77 -10.87 -8.08
CA LEU A 81 13.95 -10.43 -7.30
C LEU A 81 14.71 -11.61 -6.69
N ALA A 82 13.97 -12.59 -6.16
CA ALA A 82 14.57 -13.80 -5.60
C ALA A 82 15.39 -14.58 -6.63
N LYS A 83 14.81 -14.79 -7.81
CA LYS A 83 15.52 -15.48 -8.89
C LYS A 83 16.89 -14.83 -9.24
N THR A 84 17.03 -13.52 -9.08
CA THR A 84 18.29 -12.89 -9.45
C THR A 84 19.38 -13.12 -8.42
N MET A 85 18.98 -13.46 -7.20
CA MET A 85 19.93 -13.71 -6.12
C MET A 85 20.06 -15.19 -5.81
N ARG A 86 19.92 -16.02 -6.84
CA ARG A 86 20.01 -17.46 -6.68
C ARG A 86 21.45 -17.90 -6.40
N SER A 87 22.32 -17.72 -7.39
CA SER A 87 23.73 -18.08 -7.26
C SER A 87 23.65 -19.52 -6.74
N GLY A 88 24.15 -19.74 -5.53
CA GLY A 88 24.14 -21.05 -4.93
C GLY A 88 23.18 -21.31 -3.78
N HIS A 89 21.92 -20.96 -3.99
CA HIS A 89 20.89 -21.16 -2.97
C HIS A 89 20.02 -22.37 -3.30
N SER A 90 19.92 -23.30 -2.35
CA SER A 90 19.13 -24.49 -2.52
C SER A 90 17.72 -24.09 -2.95
N ASP A 91 16.92 -25.06 -3.39
CA ASP A 91 15.53 -24.77 -3.71
C ASP A 91 14.81 -24.21 -2.49
N PHE A 92 15.07 -24.80 -1.33
CA PHE A 92 14.41 -24.34 -0.13
C PHE A 92 14.85 -22.92 0.21
N GLY A 93 16.16 -22.67 0.18
CA GLY A 93 16.68 -21.34 0.51
C GLY A 93 16.18 -20.29 -0.48
N MET A 94 15.78 -20.77 -1.65
CA MET A 94 15.15 -19.94 -2.65
C MET A 94 13.73 -19.57 -2.22
N LEU A 95 13.00 -20.59 -1.80
CA LEU A 95 11.62 -20.50 -1.33
C LEU A 95 11.50 -19.54 -0.17
N GLU A 96 12.48 -19.65 0.73
CA GLU A 96 12.47 -18.96 1.99
C GLU A 96 12.60 -17.44 1.83
N MET A 97 12.97 -16.99 0.63
CA MET A 97 13.07 -15.56 0.37
C MET A 97 11.68 -14.93 0.36
N GLY A 98 10.68 -15.70 -0.04
CA GLY A 98 9.28 -15.27 0.06
C GLY A 98 8.84 -14.86 1.46
N PRO A 99 8.88 -15.79 2.42
CA PRO A 99 8.54 -15.44 3.81
C PRO A 99 9.40 -14.29 4.35
N CYS A 100 10.68 -14.28 4.01
CA CYS A 100 11.56 -13.19 4.38
C CYS A 100 11.05 -11.83 3.83
N LEU A 101 10.76 -11.81 2.54
CA LEU A 101 10.26 -10.59 1.89
C LEU A 101 8.96 -10.12 2.53
N HIS A 102 8.11 -11.08 2.89
CA HIS A 102 6.83 -10.76 3.51
C HIS A 102 7.03 -10.01 4.82
N THR A 103 7.97 -10.46 5.63
CA THR A 103 8.27 -9.82 6.90
C THR A 103 8.81 -8.41 6.70
N ILE A 104 9.85 -8.30 5.88
CA ILE A 104 10.47 -7.00 5.59
C ILE A 104 9.46 -5.98 5.09
N GLU A 105 8.49 -6.46 4.32
CA GLU A 105 7.45 -5.58 3.82
C GLU A 105 6.44 -5.28 4.91
N GLY A 106 6.62 -5.93 6.06
CA GLY A 106 5.83 -5.64 7.25
C GLY A 106 4.38 -6.07 7.14
N VAL A 107 4.15 -7.06 6.31
CA VAL A 107 2.80 -7.57 6.11
C VAL A 107 2.42 -8.55 7.22
N VAL A 108 3.37 -9.41 7.59
CA VAL A 108 3.13 -10.47 8.55
C VAL A 108 4.48 -11.05 8.97
N ARG A 109 4.51 -11.74 10.11
CA ARG A 109 5.67 -12.51 10.52
C ARG A 109 5.49 -13.95 10.05
N VAL A 110 6.33 -14.38 9.12
CA VAL A 110 6.14 -15.69 8.54
C VAL A 110 7.04 -16.72 9.19
N THR A 111 6.47 -17.87 9.50
CA THR A 111 7.26 -18.95 10.07
C THR A 111 7.01 -20.27 9.35
N PRO A 112 7.98 -20.69 8.50
CA PRO A 112 7.92 -21.98 7.80
C PRO A 112 7.90 -23.15 8.79
N LEU A 113 6.83 -23.93 8.74
CA LEU A 113 6.73 -25.10 9.61
C LEU A 113 7.46 -26.27 8.94
N THR A 114 6.93 -26.73 7.81
CA THR A 114 7.60 -27.76 7.05
C THR A 114 7.46 -27.51 5.56
N VAL A 115 8.58 -27.62 4.85
CA VAL A 115 8.61 -27.33 3.43
C VAL A 115 9.35 -28.41 2.67
N ASP A 116 8.64 -29.02 1.74
CA ASP A 116 9.22 -29.97 0.81
C ASP A 116 9.14 -29.34 -0.58
N ILE A 117 10.29 -29.04 -1.17
CA ILE A 117 10.29 -28.40 -2.48
C ILE A 117 11.37 -28.94 -3.43
N ASN A 118 10.96 -29.22 -4.67
CA ASN A 118 11.91 -29.42 -5.76
C ASN A 118 11.36 -28.76 -7.03
N ILE A 119 12.13 -27.81 -7.56
CA ILE A 119 11.65 -26.95 -8.62
C ILE A 119 11.70 -27.68 -9.95
N ALA A 120 12.80 -28.37 -10.20
CA ALA A 120 12.97 -29.15 -11.41
C ALA A 120 11.87 -30.21 -11.55
N ALA A 121 11.48 -30.83 -10.43
CA ALA A 121 10.55 -31.95 -10.45
C ALA A 121 9.08 -31.54 -10.26
N GLY A 122 8.86 -30.24 -10.07
CA GLY A 122 7.51 -29.74 -9.91
C GLY A 122 6.86 -30.29 -8.66
N VAL A 123 7.65 -30.44 -7.60
CA VAL A 123 7.12 -30.90 -6.32
C VAL A 123 7.15 -29.82 -5.25
N TYR A 124 6.00 -29.57 -4.66
CA TYR A 124 5.93 -28.62 -3.57
C TYR A 124 4.84 -28.98 -2.57
N HIS A 125 5.23 -29.01 -1.31
CA HIS A 125 4.31 -29.06 -0.18
C HIS A 125 4.79 -28.13 0.92
N GLY A 126 3.98 -27.14 1.28
CA GLY A 126 4.42 -26.12 2.24
C GLY A 126 3.39 -25.66 3.26
N GLU A 127 3.79 -25.69 4.54
CA GLU A 127 2.95 -25.23 5.64
C GLU A 127 3.65 -24.12 6.41
N PHE A 128 2.91 -23.11 6.80
CA PHE A 128 3.51 -21.93 7.44
C PHE A 128 2.65 -21.41 8.58
N LEU A 129 3.29 -20.80 9.58
CA LEU A 129 2.54 -20.00 10.55
C LEU A 129 2.63 -18.51 10.20
N TRP A 130 1.51 -17.82 10.28
CA TRP A 130 1.46 -16.38 9.97
C TRP A 130 1.21 -15.56 11.23
N GLU A 131 2.26 -15.37 12.02
CA GLU A 131 2.16 -14.60 13.26
C GLU A 131 2.12 -13.10 12.96
N ASP A 132 1.23 -12.40 13.66
CA ASP A 132 1.09 -10.96 13.48
C ASP A 132 0.72 -10.37 12.12
N SER A 133 -0.42 -10.80 11.59
CA SER A 133 -0.88 -10.32 10.29
C SER A 133 -1.75 -9.07 10.25
N PHE A 134 -1.29 -8.07 9.51
CA PHE A 134 -2.03 -6.81 9.39
C PHE A 134 -3.44 -7.04 8.88
N GLU A 135 -3.56 -7.73 7.75
CA GLU A 135 -4.85 -8.01 7.15
C GLU A 135 -5.83 -8.55 8.19
N GLY A 136 -5.37 -9.49 9.00
CA GLY A 136 -6.20 -10.08 10.03
C GLY A 136 -6.65 -9.07 11.06
N ASP A 137 -5.71 -8.27 11.54
CA ASP A 137 -6.02 -7.25 12.54
C ASP A 137 -6.75 -6.07 11.91
N VAL A 138 -6.60 -5.91 10.60
CA VAL A 138 -7.24 -4.82 9.87
C VAL A 138 -8.70 -5.16 9.57
N HIS A 139 -8.97 -6.43 9.30
CA HIS A 139 -10.30 -6.88 9.00
C HIS A 139 -11.13 -6.81 10.25
N ARG A 140 -10.50 -7.15 11.35
CA ARG A 140 -11.18 -7.14 12.63
C ARG A 140 -11.56 -5.71 13.04
N GLN A 141 -10.65 -4.76 12.85
CA GLN A 141 -10.93 -3.35 13.10
C GLN A 141 -12.17 -2.89 12.31
N MET A 142 -12.24 -3.26 11.04
CA MET A 142 -13.29 -2.76 10.16
C MET A 142 -14.61 -3.56 10.14
N PHE A 143 -14.58 -4.82 10.57
CA PHE A 143 -15.73 -5.72 10.41
C PHE A 143 -15.97 -6.59 11.63
N GLY A 144 -15.07 -6.52 12.61
CA GLY A 144 -15.09 -7.48 13.70
C GLY A 144 -14.77 -8.88 13.20
N VAL A 145 -14.82 -9.87 14.09
CA VAL A 145 -14.51 -11.25 13.75
C VAL A 145 -15.27 -11.74 12.51
N ALA A 146 -14.60 -12.58 11.71
CA ALA A 146 -15.14 -13.06 10.44
C ALA A 146 -15.49 -14.53 10.48
N GLN A 147 -16.38 -14.92 9.57
CA GLN A 147 -16.78 -16.32 9.40
C GLN A 147 -15.75 -17.14 8.63
N ALA A 148 -15.07 -16.53 7.66
CA ALA A 148 -13.99 -17.20 6.93
C ALA A 148 -12.70 -16.37 6.95
N PRO A 149 -11.54 -17.04 6.79
CA PRO A 149 -10.21 -16.39 6.84
C PRO A 149 -10.14 -15.14 5.96
N VAL A 150 -9.40 -14.15 6.41
CA VAL A 150 -9.52 -12.82 5.81
C VAL A 150 -8.20 -12.29 5.26
N CYS A 151 -7.14 -13.06 5.41
CA CYS A 151 -5.84 -12.66 4.89
C CYS A 151 -5.69 -12.91 3.37
N TRP A 152 -6.52 -12.20 2.61
CA TRP A 152 -6.67 -12.37 1.17
C TRP A 152 -5.41 -12.00 0.40
N MET A 153 -4.99 -10.75 0.58
CA MET A 153 -3.77 -10.25 -0.04
C MET A 153 -2.60 -11.14 0.33
N GLN A 154 -2.50 -11.47 1.62
CA GLN A 154 -1.39 -12.28 2.10
C GLN A 154 -1.36 -13.66 1.46
N ILE A 155 -2.54 -14.23 1.22
CA ILE A 155 -2.66 -15.52 0.57
C ILE A 155 -2.34 -15.43 -0.92
N GLY A 156 -2.70 -14.30 -1.53
CA GLY A 156 -2.41 -14.07 -2.93
C GLY A 156 -0.91 -13.98 -3.14
N TYR A 157 -0.20 -13.41 -2.15
CA TYR A 157 1.24 -13.24 -2.25
C TYR A 157 1.94 -14.61 -2.24
N ALA A 158 1.57 -15.44 -1.27
CA ALA A 158 2.11 -16.80 -1.17
C ALA A 158 1.90 -17.62 -2.46
N THR A 159 0.69 -17.53 -3.01
CA THR A 159 0.35 -18.18 -4.28
C THR A 159 1.16 -17.62 -5.45
N GLY A 160 1.22 -16.29 -5.53
CA GLY A 160 1.94 -15.62 -6.59
C GLY A 160 3.43 -15.91 -6.55
N TYR A 161 4.01 -15.77 -5.36
CA TYR A 161 5.44 -15.95 -5.18
C TYR A 161 5.86 -17.39 -5.50
N THR A 162 5.13 -18.34 -4.96
CA THR A 162 5.51 -19.75 -5.09
C THR A 162 5.26 -20.24 -6.49
N SER A 163 4.15 -19.85 -7.09
CA SER A 163 3.90 -20.20 -8.49
C SER A 163 5.02 -19.66 -9.38
N ALA A 164 5.33 -18.37 -9.27
CA ALA A 164 6.34 -17.81 -10.16
C ALA A 164 7.70 -18.49 -9.96
N LEU A 165 7.94 -18.95 -8.74
CA LEU A 165 9.20 -19.61 -8.42
C LEU A 165 9.25 -21.05 -8.99
N MET A 166 8.12 -21.75 -8.98
CA MET A 166 8.05 -23.11 -9.51
C MET A 166 7.76 -23.23 -11.04
N GLY A 167 7.26 -22.17 -11.66
CA GLY A 167 6.81 -22.26 -13.04
C GLY A 167 5.51 -23.05 -13.17
N LYS A 168 4.80 -23.22 -12.06
CA LYS A 168 3.48 -23.86 -12.08
C LYS A 168 2.64 -23.37 -10.91
N THR A 169 1.33 -23.37 -11.09
CA THR A 169 0.39 -22.84 -10.11
C THR A 169 0.40 -23.60 -8.79
N ILE A 170 0.80 -22.91 -7.73
CA ILE A 170 0.73 -23.45 -6.39
C ILE A 170 -0.29 -22.61 -5.67
N LEU A 171 -1.42 -23.22 -5.28
CA LEU A 171 -2.42 -22.44 -4.58
C LEU A 171 -2.24 -22.59 -3.08
N TYR A 172 -2.55 -21.53 -2.35
CA TYR A 172 -2.50 -21.58 -0.90
C TYR A 172 -3.88 -21.38 -0.31
N ARG A 173 -4.10 -21.95 0.86
CA ARG A 173 -5.30 -21.66 1.63
C ARG A 173 -4.98 -21.57 3.12
N GLU A 174 -5.72 -20.72 3.81
CA GLU A 174 -5.55 -20.59 5.25
C GLU A 174 -6.34 -21.68 5.93
N LEU A 175 -5.66 -22.52 6.70
CA LEU A 175 -6.33 -23.55 7.49
C LEU A 175 -6.83 -22.99 8.83
N GLU A 176 -6.23 -21.87 9.24
CA GLU A 176 -6.58 -21.17 10.47
C GLU A 176 -6.20 -19.70 10.35
N CYS A 177 -7.01 -18.82 10.95
CA CYS A 177 -6.88 -17.38 10.74
C CYS A 177 -7.29 -16.58 11.98
N VAL A 178 -6.46 -15.62 12.39
CA VAL A 178 -6.83 -14.70 13.47
C VAL A 178 -8.10 -13.93 13.15
N GLY A 179 -8.42 -13.81 11.87
CA GLY A 179 -9.61 -13.09 11.48
C GLY A 179 -10.86 -13.86 11.86
N CYS A 180 -10.69 -15.13 12.20
CA CYS A 180 -11.80 -15.99 12.56
C CYS A 180 -11.80 -16.32 14.04
N GLY A 181 -11.03 -15.56 14.80
CA GLY A 181 -10.96 -15.75 16.24
C GLY A 181 -9.77 -16.58 16.67
N HIS A 182 -9.15 -17.26 15.72
CA HIS A 182 -7.98 -18.07 16.04
C HIS A 182 -6.82 -17.20 16.53
N PRO A 183 -5.85 -17.82 17.19
CA PRO A 183 -4.71 -17.13 17.78
C PRO A 183 -3.75 -16.60 16.71
N HIS A 184 -3.68 -17.33 15.59
CA HIS A 184 -2.77 -16.98 14.52
C HIS A 184 -3.26 -17.57 13.21
N CYS A 185 -2.49 -17.38 12.15
CA CYS A 185 -2.86 -17.95 10.89
C CYS A 185 -2.02 -19.20 10.64
N ARG A 186 -2.61 -20.15 9.93
CA ARG A 186 -1.93 -21.36 9.55
C ARG A 186 -2.28 -21.57 8.09
N ILE A 187 -1.28 -21.76 7.23
CA ILE A 187 -1.57 -21.86 5.80
C ILE A 187 -0.92 -23.07 5.14
N LEU A 188 -1.57 -23.57 4.08
CA LEU A 188 -1.07 -24.70 3.32
C LEU A 188 -1.00 -24.36 1.84
N GLY A 189 0.13 -24.66 1.21
CA GLY A 189 0.30 -24.45 -0.21
C GLY A 189 0.73 -25.72 -0.92
N LYS A 190 0.09 -26.01 -2.04
CA LYS A 190 0.43 -27.16 -2.84
C LYS A 190 -0.12 -26.99 -4.26
N PRO A 191 0.36 -27.83 -5.19
CA PRO A 191 0.00 -27.75 -6.59
C PRO A 191 -1.50 -27.76 -6.79
N LEU A 192 -1.96 -26.94 -7.74
CA LEU A 192 -3.38 -26.75 -8.03
C LEU A 192 -4.20 -28.04 -8.01
N GLU A 193 -3.69 -29.09 -8.66
CA GLU A 193 -4.48 -30.30 -8.84
C GLU A 193 -4.56 -31.17 -7.59
N GLN A 194 -3.84 -30.79 -6.53
CA GLN A 194 -3.93 -31.51 -5.27
C GLN A 194 -5.01 -30.89 -4.40
N TRP A 195 -5.71 -29.90 -4.95
CA TRP A 195 -6.85 -29.26 -4.27
C TRP A 195 -8.12 -29.68 -4.96
N GLU A 196 -9.10 -30.20 -4.21
CA GLU A 196 -10.32 -30.66 -4.84
C GLU A 196 -11.10 -29.49 -5.44
N ASP A 197 -11.09 -28.34 -4.76
CA ASP A 197 -11.79 -27.17 -5.29
C ASP A 197 -10.84 -26.25 -6.06
N GLY A 198 -9.66 -26.76 -6.38
CA GLY A 198 -8.62 -25.97 -7.02
C GLY A 198 -8.99 -25.21 -8.27
N GLU A 199 -9.83 -25.79 -9.11
CA GLU A 199 -10.23 -25.09 -10.33
C GLU A 199 -10.97 -23.81 -9.97
N ALA A 200 -11.68 -23.88 -8.84
CA ALA A 200 -12.55 -22.80 -8.40
C ALA A 200 -11.82 -21.79 -7.52
N GLU A 201 -10.76 -22.23 -6.85
CA GLU A 201 -9.87 -21.33 -6.14
C GLU A 201 -9.12 -20.50 -7.19
N LEU A 202 -8.73 -21.14 -8.28
CA LEU A 202 -7.94 -20.50 -9.33
C LEU A 202 -8.71 -19.40 -10.06
N ALA A 203 -10.03 -19.52 -10.09
CA ALA A 203 -10.87 -18.52 -10.71
C ALA A 203 -10.85 -17.19 -9.90
N LEU A 204 -10.36 -17.25 -8.67
CA LEU A 204 -10.28 -16.07 -7.81
C LEU A 204 -9.10 -15.19 -8.20
N TYR A 205 -8.25 -15.69 -9.07
CA TYR A 205 -7.08 -14.95 -9.44
C TYR A 205 -7.22 -14.38 -10.81
N GLN A 206 -8.43 -14.37 -11.33
CA GLN A 206 -8.67 -13.89 -12.67
C GLN A 206 -9.38 -12.59 -12.64
N PRO A 207 -8.72 -11.52 -13.26
CA PRO A 207 -9.47 -10.25 -13.19
C PRO A 207 -10.86 -10.20 -13.72
N ASP A 208 -11.03 -10.47 -14.99
CA ASP A 208 -12.34 -10.62 -15.58
C ASP A 208 -12.34 -10.38 -17.08
N ARG B 13 16.81 19.35 4.60
CA ARG B 13 15.53 19.58 5.24
C ARG B 13 15.50 18.93 6.62
N ASP B 14 15.28 19.75 7.64
CA ASP B 14 15.27 19.26 9.01
C ASP B 14 14.07 18.37 9.25
N GLY B 15 12.96 18.70 8.60
CA GLY B 15 11.74 17.94 8.73
C GLY B 15 11.96 16.48 8.37
N LEU B 16 12.72 16.22 7.30
CA LEU B 16 12.87 14.86 6.80
C LEU B 16 13.69 14.02 7.77
N SER B 17 14.65 14.65 8.43
CA SER B 17 15.51 13.96 9.40
C SER B 17 14.79 13.70 10.73
N ASN B 18 14.06 14.71 11.21
CA ASN B 18 13.30 14.51 12.44
C ASN B 18 12.18 13.51 12.25
N LEU B 19 11.49 13.60 11.12
CA LEU B 19 10.36 12.71 10.90
C LEU B 19 10.84 11.30 10.54
N ALA B 20 11.95 11.17 9.82
CA ALA B 20 12.45 9.85 9.44
C ALA B 20 12.84 9.01 10.66
N ARG B 21 13.09 9.68 11.79
CA ARG B 21 13.40 8.99 13.05
C ARG B 21 12.18 8.30 13.67
N ARG B 22 10.98 8.69 13.20
CA ARG B 22 9.73 8.13 13.70
C ARG B 22 9.34 6.84 12.99
N LEU B 23 10.07 6.52 11.92
CA LEU B 23 9.83 5.31 11.17
C LEU B 23 10.73 4.19 11.70
N ARG B 24 10.15 3.05 12.05
CA ARG B 24 11.00 1.95 12.52
C ARG B 24 10.54 0.58 12.01
N PHE B 25 11.51 -0.27 11.70
CA PHE B 25 11.22 -1.65 11.30
C PHE B 25 11.34 -2.60 12.49
N ALA B 26 10.20 -3.19 12.89
CA ALA B 26 10.17 -4.21 13.94
C ALA B 26 9.93 -5.58 13.34
N MET B 27 10.95 -6.13 12.67
CA MET B 27 10.79 -7.40 11.97
C MET B 27 10.39 -8.58 12.87
N LYS B 28 10.81 -8.55 14.14
CA LYS B 28 10.39 -9.57 15.09
C LYS B 28 8.86 -9.65 15.14
N GLU B 29 8.21 -8.50 15.09
CA GLU B 29 6.75 -8.43 15.03
C GLU B 29 6.26 -8.35 13.58
N GLY B 30 7.15 -8.63 12.62
CA GLY B 30 6.85 -8.51 11.19
C GLY B 30 6.14 -7.22 10.85
N SER B 31 6.58 -6.14 11.48
CA SER B 31 5.84 -4.89 11.42
C SER B 31 6.71 -3.68 11.13
N ILE B 32 6.06 -2.67 10.57
CA ILE B 32 6.67 -1.39 10.25
C ILE B 32 5.77 -0.34 10.85
N TRP B 33 6.36 0.59 11.58
CA TRP B 33 5.61 1.64 12.25
C TRP B 33 6.05 3.03 11.80
N LEU B 34 5.09 3.88 11.45
CA LEU B 34 5.37 5.30 11.34
C LEU B 34 4.64 5.99 12.49
N GLY B 35 5.38 6.45 13.49
CA GLY B 35 4.78 6.90 14.71
C GLY B 35 4.02 5.74 15.33
N GLU B 36 2.70 5.90 15.46
CA GLU B 36 1.87 4.88 16.08
C GLU B 36 0.91 4.25 15.08
N GLN B 37 1.21 4.42 13.79
CA GLN B 37 0.38 3.85 12.73
C GLN B 37 1.15 2.78 11.95
N ARG B 38 0.61 1.57 11.94
CA ARG B 38 1.27 0.45 11.23
C ARG B 38 1.27 0.65 9.70
N MET B 39 2.39 0.29 9.08
CA MET B 39 2.57 0.49 7.64
C MET B 39 2.96 -0.80 6.96
N ILE B 40 2.70 -0.90 5.67
CA ILE B 40 3.28 -1.99 4.88
C ILE B 40 4.04 -1.41 3.69
N LEU B 41 5.03 -2.15 3.20
CA LEU B 41 5.67 -1.78 1.96
C LEU B 41 4.91 -2.48 0.85
N LEU B 42 4.39 -1.68 -0.08
CA LEU B 42 3.57 -2.20 -1.15
C LEU B 42 4.18 -1.79 -2.49
N HIS B 43 4.27 -2.78 -3.36
CA HIS B 43 4.70 -2.59 -4.75
C HIS B 43 3.74 -1.66 -5.46
N THR B 44 4.24 -0.56 -6.03
CA THR B 44 3.39 0.29 -6.87
C THR B 44 2.77 -0.45 -8.05
N ALA B 45 3.42 -1.51 -8.54
CA ALA B 45 2.84 -2.30 -9.64
C ALA B 45 1.58 -3.03 -9.21
N ALA B 46 1.56 -3.50 -7.96
CA ALA B 46 0.38 -4.15 -7.40
C ALA B 46 -0.77 -3.16 -7.22
N LEU B 47 -0.46 -1.96 -6.75
CA LEU B 47 -1.45 -0.89 -6.62
C LEU B 47 -1.94 -0.41 -7.98
N GLY B 48 -1.01 -0.22 -8.90
CA GLY B 48 -1.38 0.07 -10.27
C GLY B 48 -2.35 -0.95 -10.85
N ALA B 49 -2.05 -2.23 -10.63
CA ALA B 49 -2.91 -3.29 -11.16
C ALA B 49 -4.30 -3.21 -10.51
N LEU B 50 -4.37 -2.82 -9.24
CA LEU B 50 -5.67 -2.69 -8.59
C LEU B 50 -6.41 -1.49 -9.19
N ARG B 51 -5.66 -0.42 -9.45
CA ARG B 51 -6.26 0.77 -10.03
C ARG B 51 -6.90 0.43 -11.36
N LYS B 52 -6.20 -0.38 -12.15
CA LYS B 52 -6.70 -0.77 -13.46
C LYS B 52 -7.99 -1.59 -13.34
N GLU B 53 -8.01 -2.59 -12.46
CA GLU B 53 -9.23 -3.36 -12.25
C GLU B 53 -10.40 -2.46 -11.81
N LEU B 54 -10.16 -1.57 -10.84
CA LEU B 54 -11.20 -0.67 -10.34
C LEU B 54 -11.72 0.29 -11.40
N VAL B 55 -10.82 0.83 -12.21
CA VAL B 55 -11.23 1.68 -13.33
C VAL B 55 -11.99 0.87 -14.40
N ASP B 56 -11.46 -0.30 -14.76
CA ASP B 56 -12.09 -1.12 -15.78
C ASP B 56 -13.54 -1.44 -15.40
N THR B 57 -13.77 -1.75 -14.11
CA THR B 57 -15.07 -2.25 -13.68
C THR B 57 -16.02 -1.21 -13.09
N LEU B 58 -15.50 -0.18 -12.42
CA LEU B 58 -16.37 0.81 -11.80
C LEU B 58 -16.35 2.12 -12.56
N GLY B 59 -15.41 2.24 -13.51
CA GLY B 59 -15.27 3.46 -14.27
C GLY B 59 -14.36 4.45 -13.57
N MET B 60 -13.82 5.39 -14.35
CA MET B 60 -12.83 6.34 -13.86
C MET B 60 -13.30 7.18 -12.65
N GLU B 61 -14.45 7.83 -12.76
CA GLU B 61 -14.95 8.69 -11.68
C GLU B 61 -15.05 7.96 -10.33
N ARG B 62 -15.56 6.73 -10.32
CA ARG B 62 -15.73 6.02 -9.05
C ARG B 62 -14.41 5.47 -8.52
N ALA B 63 -13.52 5.08 -9.42
CA ALA B 63 -12.20 4.61 -9.01
C ALA B 63 -11.40 5.78 -8.42
N ARG B 64 -11.60 6.97 -8.96
CA ARG B 64 -10.95 8.16 -8.46
C ARG B 64 -11.34 8.51 -7.03
N GLY B 65 -12.62 8.37 -6.71
CA GLY B 65 -13.10 8.70 -5.38
C GLY B 65 -12.55 7.72 -4.36
N LEU B 66 -12.54 6.44 -4.70
CA LEU B 66 -11.99 5.40 -3.83
C LEU B 66 -10.54 5.71 -3.43
N PHE B 67 -9.71 6.09 -4.39
CA PHE B 67 -8.31 6.37 -4.09
C PHE B 67 -8.13 7.70 -3.35
N MET B 68 -8.90 8.71 -3.74
CA MET B 68 -8.86 9.99 -3.01
C MET B 68 -9.19 9.80 -1.55
N ARG B 69 -10.21 8.98 -1.28
CA ARG B 69 -10.62 8.71 0.09
C ARG B 69 -9.58 7.85 0.82
N MET B 70 -8.88 7.00 0.10
CA MET B 70 -7.83 6.22 0.73
C MET B 70 -6.70 7.16 1.15
N GLY B 71 -6.33 8.09 0.26
CA GLY B 71 -5.27 9.03 0.55
C GLY B 71 -5.62 9.93 1.72
N PHE B 72 -6.89 10.33 1.76
CA PHE B 72 -7.40 11.20 2.80
C PHE B 72 -7.16 10.57 4.15
N HIS B 73 -7.55 9.31 4.30
CA HIS B 73 -7.33 8.59 5.54
C HIS B 73 -5.85 8.57 5.93
N SER B 74 -5.01 8.32 4.94
CA SER B 74 -3.57 8.42 5.15
C SER B 74 -3.16 9.80 5.67
N GLY B 75 -3.66 10.87 5.03
CA GLY B 75 -3.26 12.22 5.39
C GLY B 75 -3.69 12.57 6.82
N VAL B 76 -4.93 12.25 7.15
CA VAL B 76 -5.47 12.50 8.47
C VAL B 76 -4.63 11.80 9.54
N ARG B 77 -4.07 10.64 9.22
CA ARG B 77 -3.29 9.92 10.23
C ARG B 77 -1.87 10.48 10.40
N ASP B 78 -1.27 10.93 9.32
CA ASP B 78 0.02 11.62 9.46
C ASP B 78 -0.14 12.97 10.16
N ALA B 79 -1.30 13.60 10.01
CA ALA B 79 -1.58 14.84 10.73
C ALA B 79 -1.62 14.61 12.26
N GLU B 80 -2.16 13.47 12.69
CA GLU B 80 -2.23 13.14 14.11
C GLU B 80 -0.82 12.91 14.64
N LEU B 81 0.06 12.40 13.79
CA LEU B 81 1.47 12.26 14.16
C LEU B 81 2.17 13.62 14.27
N ALA B 82 1.94 14.50 13.29
CA ALA B 82 2.58 15.81 13.28
C ALA B 82 2.20 16.59 14.54
N LYS B 83 0.94 16.49 14.93
CA LYS B 83 0.44 17.17 16.12
C LYS B 83 1.21 16.75 17.37
N THR B 84 1.44 15.44 17.56
CA THR B 84 2.21 15.01 18.72
C THR B 84 3.59 15.70 18.74
N MET B 85 4.10 16.05 17.56
CA MET B 85 5.39 16.73 17.44
C MET B 85 5.24 18.24 17.33
N ARG B 86 4.10 18.75 17.79
CA ARG B 86 3.85 20.19 17.81
C ARG B 86 4.45 21.03 18.91
N SER B 87 5.74 21.33 18.80
CA SER B 87 6.45 22.02 19.87
C SER B 87 7.73 22.61 19.33
N GLY B 88 7.83 23.93 19.41
CA GLY B 88 8.93 24.65 18.81
C GLY B 88 8.63 24.95 17.35
N HIS B 89 7.61 24.29 16.80
CA HIS B 89 7.30 24.47 15.39
C HIS B 89 6.27 25.56 15.17
N SER B 90 6.53 26.41 14.19
CA SER B 90 5.54 27.35 13.71
C SER B 90 4.40 26.59 13.06
N ASP B 91 3.40 27.32 12.62
CA ASP B 91 2.32 26.71 11.85
C ASP B 91 2.87 26.14 10.54
N PHE B 92 3.84 26.83 9.97
CA PHE B 92 4.43 26.41 8.71
C PHE B 92 5.22 25.13 8.92
N GLY B 93 6.06 25.11 9.96
CA GLY B 93 6.88 23.96 10.27
C GLY B 93 6.07 22.69 10.46
N MET B 94 4.92 22.84 11.10
CA MET B 94 4.03 21.71 11.28
C MET B 94 3.36 21.33 9.96
N LEU B 95 3.04 22.30 9.11
CA LEU B 95 2.46 22.02 7.83
C LEU B 95 3.48 21.24 6.99
N GLU B 96 4.73 21.67 7.08
CA GLU B 96 5.83 21.07 6.34
C GLU B 96 6.03 19.57 6.61
N MET B 97 5.56 19.11 7.77
CA MET B 97 5.68 17.69 8.12
C MET B 97 4.89 16.80 7.17
N GLY B 98 3.82 17.32 6.59
CA GLY B 98 2.99 16.56 5.66
C GLY B 98 3.77 16.19 4.39
N PRO B 99 4.25 17.20 3.67
CA PRO B 99 5.15 16.99 2.54
C PRO B 99 6.30 16.05 2.90
N CYS B 100 6.90 16.23 4.05
CA CYS B 100 8.02 15.37 4.44
C CYS B 100 7.59 13.91 4.61
N LEU B 101 6.44 13.69 5.25
CA LEU B 101 5.98 12.32 5.45
C LEU B 101 5.59 11.64 4.12
N HIS B 102 4.94 12.39 3.23
CA HIS B 102 4.59 11.95 1.89
C HIS B 102 5.82 11.49 1.10
N THR B 103 6.91 12.23 1.29
CA THR B 103 8.19 11.97 0.64
C THR B 103 8.90 10.77 1.27
N ILE B 104 8.87 10.74 2.60
CA ILE B 104 9.41 9.62 3.35
C ILE B 104 8.71 8.31 2.94
N GLU B 105 7.41 8.39 2.72
CA GLU B 105 6.62 7.21 2.38
C GLU B 105 6.85 6.77 0.93
N GLY B 106 7.68 7.53 0.21
CA GLY B 106 8.07 7.19 -1.14
C GLY B 106 6.95 7.42 -2.12
N VAL B 107 5.92 8.16 -1.69
CA VAL B 107 4.79 8.39 -2.56
C VAL B 107 5.14 9.38 -3.67
N VAL B 108 5.78 10.48 -3.28
CA VAL B 108 6.16 11.55 -4.20
C VAL B 108 7.18 12.48 -3.51
N ARG B 109 8.03 13.15 -4.30
CA ARG B 109 8.96 14.17 -3.81
C ARG B 109 8.22 15.50 -3.85
N VAL B 110 8.02 16.07 -2.67
CA VAL B 110 7.16 17.26 -2.55
C VAL B 110 7.99 18.51 -2.30
N THR B 111 7.77 19.55 -3.11
CA THR B 111 8.43 20.84 -2.93
C THR B 111 7.40 21.94 -2.61
N PRO B 112 7.33 22.37 -1.32
CA PRO B 112 6.48 23.52 -1.01
C PRO B 112 6.96 24.76 -1.74
N LEU B 113 6.06 25.47 -2.41
CA LEU B 113 6.43 26.70 -3.11
C LEU B 113 6.15 27.92 -2.22
N THR B 114 4.90 28.33 -2.18
CA THR B 114 4.50 29.36 -1.23
C THR B 114 3.43 28.81 -0.32
N VAL B 115 3.61 28.99 0.99
CA VAL B 115 2.63 28.52 1.93
C VAL B 115 2.21 29.63 2.88
N ASP B 116 0.92 29.95 2.84
CA ASP B 116 0.33 30.93 3.74
C ASP B 116 -0.55 30.22 4.74
N ILE B 117 -0.04 30.01 5.95
CA ILE B 117 -0.85 29.35 6.97
C ILE B 117 -0.88 30.09 8.30
N ASN B 118 -2.08 30.19 8.86
CA ASN B 118 -2.27 30.55 10.26
C ASN B 118 -3.46 29.76 10.75
N ILE B 119 -3.20 28.80 11.63
CA ILE B 119 -4.23 27.84 12.02
C ILE B 119 -5.32 28.48 12.88
N ALA B 120 -4.93 29.36 13.81
CA ALA B 120 -5.92 29.95 14.72
C ALA B 120 -6.84 30.90 13.96
N ALA B 121 -6.35 31.47 12.86
CA ALA B 121 -7.14 32.42 12.10
C ALA B 121 -7.92 31.74 10.95
N GLY B 122 -7.63 30.46 10.72
CA GLY B 122 -8.27 29.73 9.63
C GLY B 122 -7.70 30.11 8.27
N VAL B 123 -6.48 30.62 8.27
CA VAL B 123 -5.80 31.06 7.05
C VAL B 123 -5.01 29.93 6.37
N TYR B 124 -5.32 29.65 5.10
CA TYR B 124 -4.51 28.67 4.36
C TYR B 124 -4.60 28.80 2.83
N HIS B 125 -3.43 29.00 2.24
CA HIS B 125 -3.23 29.05 0.80
C HIS B 125 -1.87 28.40 0.56
N GLY B 126 -1.85 27.28 -0.15
CA GLY B 126 -0.63 26.51 -0.29
C GLY B 126 -0.45 26.01 -1.70
N GLU B 127 0.74 26.24 -2.26
CA GLU B 127 1.09 25.75 -3.58
C GLU B 127 2.31 24.85 -3.48
N PHE B 128 2.32 23.77 -4.25
CA PHE B 128 3.30 22.70 -4.11
C PHE B 128 3.69 22.11 -5.44
N LEU B 129 4.97 21.75 -5.53
CA LEU B 129 5.47 21.01 -6.68
C LEU B 129 5.58 19.53 -6.32
N TRP B 130 5.11 18.67 -7.24
CA TRP B 130 5.25 17.21 -7.12
C TRP B 130 6.14 16.66 -8.23
N GLU B 131 7.23 16.03 -7.85
CA GLU B 131 8.00 15.27 -8.82
C GLU B 131 8.01 13.79 -8.47
N ASP B 132 8.13 12.98 -9.49
CA ASP B 132 8.17 11.55 -9.32
C ASP B 132 6.93 11.02 -8.62
N SER B 133 5.76 11.53 -9.00
CA SER B 133 4.50 11.10 -8.40
C SER B 133 4.15 9.67 -8.84
N PHE B 134 4.33 8.73 -7.92
CA PHE B 134 4.02 7.32 -8.21
C PHE B 134 2.71 7.17 -8.94
N GLU B 135 1.70 7.92 -8.49
CA GLU B 135 0.38 7.87 -9.10
C GLU B 135 0.44 8.21 -10.59
N GLY B 136 1.37 9.10 -10.95
CA GLY B 136 1.53 9.51 -12.33
C GLY B 136 2.22 8.46 -13.19
N ASP B 137 3.32 7.90 -12.68
CA ASP B 137 4.04 6.82 -13.36
C ASP B 137 3.18 5.57 -13.55
N VAL B 138 2.50 5.15 -12.49
CA VAL B 138 1.70 3.94 -12.53
C VAL B 138 0.47 4.06 -13.44
N HIS B 139 -0.16 5.23 -13.47
CA HIS B 139 -1.33 5.43 -14.32
C HIS B 139 -0.96 5.40 -15.81
N ARG B 140 0.09 6.14 -16.18
CA ARG B 140 0.50 6.21 -17.58
C ARG B 140 0.85 4.82 -18.13
N GLN B 141 1.48 4.01 -17.30
CA GLN B 141 1.92 2.69 -17.70
C GLN B 141 0.77 1.69 -17.82
N MET B 142 -0.37 1.99 -17.20
CA MET B 142 -1.54 1.12 -17.30
C MET B 142 -2.61 1.72 -18.21
N PHE B 143 -2.56 3.03 -18.45
CA PHE B 143 -3.60 3.70 -19.22
C PHE B 143 -3.11 4.64 -20.30
N GLY B 144 -1.84 5.01 -20.27
CA GLY B 144 -1.32 6.03 -21.17
C GLY B 144 -1.67 7.42 -20.67
N VAL B 145 -1.32 8.46 -21.43
CA VAL B 145 -1.60 9.84 -21.01
C VAL B 145 -3.09 10.03 -20.80
N ALA B 146 -3.45 10.74 -19.74
CA ALA B 146 -4.85 10.93 -19.38
C ALA B 146 -5.33 12.33 -19.78
N GLN B 147 -6.63 12.57 -19.68
CA GLN B 147 -7.19 13.88 -19.98
C GLN B 147 -7.14 14.78 -18.76
N ALA B 148 -7.60 14.25 -17.62
CA ALA B 148 -7.57 14.99 -16.36
C ALA B 148 -6.51 14.42 -15.42
N PRO B 149 -6.06 15.23 -14.44
CA PRO B 149 -5.02 14.86 -13.47
C PRO B 149 -5.27 13.48 -12.81
N VAL B 150 -4.22 12.73 -12.57
CA VAL B 150 -4.37 11.31 -12.25
C VAL B 150 -3.88 10.89 -10.84
N CYS B 151 -3.34 11.83 -10.07
CA CYS B 151 -2.78 11.48 -8.78
C CYS B 151 -3.82 11.60 -7.64
N TRP B 152 -4.82 10.73 -7.69
CA TRP B 152 -5.99 10.79 -6.80
C TRP B 152 -5.63 10.62 -5.31
N MET B 153 -4.86 9.57 -5.02
CA MET B 153 -4.50 9.22 -3.65
C MET B 153 -3.61 10.29 -3.04
N GLN B 154 -2.75 10.89 -3.87
CA GLN B 154 -1.85 11.94 -3.42
C GLN B 154 -2.58 13.25 -3.09
N ILE B 155 -3.60 13.58 -3.87
CA ILE B 155 -4.41 14.77 -3.57
C ILE B 155 -5.23 14.55 -2.29
N GLY B 156 -5.76 13.34 -2.14
CA GLY B 156 -6.54 12.99 -0.97
C GLY B 156 -5.70 13.17 0.27
N TYR B 157 -4.44 12.77 0.16
CA TYR B 157 -3.53 12.87 1.31
C TYR B 157 -3.29 14.34 1.73
N ALA B 158 -2.98 15.22 0.77
CA ALA B 158 -2.77 16.63 1.13
C ALA B 158 -4.03 17.21 1.77
N THR B 159 -5.18 16.84 1.23
CA THR B 159 -6.46 17.33 1.69
C THR B 159 -6.74 16.88 3.11
N GLY B 160 -6.58 15.58 3.36
CA GLY B 160 -6.74 15.00 4.69
C GLY B 160 -5.74 15.53 5.70
N TYR B 161 -4.47 15.60 5.31
CA TYR B 161 -3.47 16.13 6.23
C TYR B 161 -3.75 17.57 6.65
N THR B 162 -4.05 18.42 5.69
CA THR B 162 -4.16 19.84 5.99
C THR B 162 -5.47 20.17 6.68
N SER B 163 -6.55 19.51 6.28
CA SER B 163 -7.86 19.68 6.93
C SER B 163 -7.79 19.30 8.41
N ALA B 164 -7.17 18.15 8.66
CA ALA B 164 -6.96 17.69 10.02
C ALA B 164 -6.14 18.72 10.78
N LEU B 165 -5.10 19.23 10.14
CA LEU B 165 -4.21 20.18 10.79
C LEU B 165 -4.90 21.53 11.05
N MET B 166 -5.69 22.00 10.09
CA MET B 166 -6.35 23.30 10.22
C MET B 166 -7.64 23.22 11.05
N GLY B 167 -8.26 22.06 11.12
CA GLY B 167 -9.54 21.94 11.79
C GLY B 167 -10.69 22.43 10.93
N LYS B 168 -10.50 22.44 9.61
CA LYS B 168 -11.54 22.87 8.68
C LYS B 168 -11.21 22.33 7.29
N THR B 169 -12.19 22.36 6.39
CA THR B 169 -12.06 21.74 5.09
C THR B 169 -11.13 22.52 4.13
N ILE B 170 -9.92 22.00 3.97
CA ILE B 170 -9.00 22.44 2.93
C ILE B 170 -9.05 21.41 1.79
N LEU B 171 -9.41 21.86 0.60
CA LEU B 171 -9.41 21.00 -0.58
C LEU B 171 -8.20 21.31 -1.44
N TYR B 172 -7.62 20.26 -2.04
CA TYR B 172 -6.51 20.41 -2.96
C TYR B 172 -6.86 19.97 -4.39
N ARG B 173 -6.15 20.53 -5.35
CA ARG B 173 -6.36 20.18 -6.75
C ARG B 173 -5.06 20.27 -7.53
N GLU B 174 -4.89 19.39 -8.50
CA GLU B 174 -3.78 19.48 -9.43
C GLU B 174 -4.12 20.42 -10.57
N LEU B 175 -3.28 21.44 -10.75
CA LEU B 175 -3.44 22.36 -11.88
C LEU B 175 -2.59 21.88 -13.04
N GLU B 176 -1.63 21.03 -12.70
CA GLU B 176 -0.79 20.36 -13.67
C GLU B 176 -0.45 18.98 -13.12
N CYS B 177 -0.23 18.03 -14.03
CA CYS B 177 -0.04 16.62 -13.68
C CYS B 177 0.75 15.89 -14.76
N VAL B 178 1.77 15.14 -14.34
CA VAL B 178 2.55 14.30 -15.24
C VAL B 178 1.69 13.28 -15.98
N GLY B 179 0.58 12.89 -15.35
CA GLY B 179 -0.35 11.95 -15.95
C GLY B 179 -1.13 12.60 -17.09
N CYS B 180 -0.87 13.87 -17.31
CA CYS B 180 -1.42 14.57 -18.46
C CYS B 180 -0.29 14.95 -19.40
N GLY B 181 0.93 14.56 -19.04
CA GLY B 181 2.10 14.75 -19.88
C GLY B 181 2.92 16.00 -19.58
N HIS B 182 2.65 16.66 -18.46
CA HIS B 182 3.42 17.84 -18.09
C HIS B 182 4.71 17.44 -17.40
N PRO B 183 5.69 18.35 -17.39
CA PRO B 183 6.99 18.09 -16.76
C PRO B 183 6.87 17.69 -15.30
N HIS B 184 5.73 18.00 -14.69
CA HIS B 184 5.55 17.85 -13.24
C HIS B 184 4.09 17.97 -12.81
N CYS B 185 3.83 17.78 -11.53
CA CYS B 185 2.50 18.06 -10.99
C CYS B 185 2.57 19.38 -10.19
N ARG B 186 1.52 20.19 -10.28
CA ARG B 186 1.46 21.43 -9.47
C ARG B 186 0.17 21.43 -8.69
N ILE B 187 0.29 21.66 -7.39
CA ILE B 187 -0.87 21.51 -6.52
C ILE B 187 -1.21 22.82 -5.84
N LEU B 188 -2.52 23.10 -5.74
CA LEU B 188 -3.03 24.21 -4.96
C LEU B 188 -3.97 23.68 -3.88
N GLY B 189 -3.73 24.09 -2.63
CA GLY B 189 -4.63 23.79 -1.55
C GLY B 189 -5.20 25.06 -0.95
N LYS B 190 -6.48 25.03 -0.62
CA LYS B 190 -7.11 26.18 0.02
C LYS B 190 -8.50 25.82 0.51
N PRO B 191 -9.09 26.68 1.36
CA PRO B 191 -10.35 26.33 2.04
C PRO B 191 -11.47 26.10 1.03
N LEU B 192 -12.43 25.25 1.40
CA LEU B 192 -13.61 24.96 0.58
C LEU B 192 -14.22 26.19 -0.14
N GLU B 193 -14.34 27.30 0.57
CA GLU B 193 -15.06 28.49 0.10
C GLU B 193 -14.39 29.15 -1.10
N GLN B 194 -13.10 28.94 -1.27
CA GLN B 194 -12.38 29.61 -2.34
C GLN B 194 -12.27 28.78 -3.60
N TRP B 195 -12.93 27.63 -3.64
CA TRP B 195 -13.01 26.83 -4.86
C TRP B 195 -14.34 26.98 -5.57
N GLU B 196 -14.30 27.27 -6.85
CA GLU B 196 -15.51 27.47 -7.64
C GLU B 196 -16.40 26.26 -7.70
N ASP B 197 -15.80 25.09 -7.72
CA ASP B 197 -16.55 23.88 -7.78
C ASP B 197 -16.47 23.17 -6.45
N GLY B 198 -16.24 23.94 -5.41
CA GLY B 198 -15.95 23.41 -4.09
C GLY B 198 -16.86 22.34 -3.55
N GLU B 199 -18.16 22.49 -3.76
CA GLU B 199 -19.10 21.54 -3.18
C GLU B 199 -18.99 20.20 -3.87
N ALA B 200 -18.75 20.24 -5.17
CA ALA B 200 -18.61 19.05 -5.98
C ALA B 200 -17.31 18.30 -5.66
N GLU B 201 -16.29 19.07 -5.31
CA GLU B 201 -15.00 18.51 -4.97
C GLU B 201 -15.08 17.86 -3.58
N LEU B 202 -15.84 18.48 -2.68
CA LEU B 202 -16.04 17.90 -1.35
C LEU B 202 -16.84 16.59 -1.44
N ALA B 203 -17.70 16.49 -2.44
CA ALA B 203 -18.53 15.31 -2.64
C ALA B 203 -17.72 14.02 -2.84
N LEU B 204 -16.66 14.12 -3.63
CA LEU B 204 -15.78 12.98 -3.89
C LEU B 204 -15.23 12.33 -2.59
N TYR B 205 -15.25 13.06 -1.48
CA TYR B 205 -14.64 12.56 -0.24
C TYR B 205 -15.61 11.80 0.65
N GLN B 206 -16.81 11.53 0.12
CA GLN B 206 -17.84 10.80 0.85
C GLN B 206 -18.22 9.51 0.13
N PRO B 207 -18.27 8.41 0.87
CA PRO B 207 -18.62 7.08 0.34
C PRO B 207 -20.00 7.02 -0.31
N ASP B 208 -20.31 5.89 -0.93
CA ASP B 208 -21.61 5.65 -1.55
C ASP B 208 -22.40 4.59 -0.79
CL1 5JC C . 3.44 -18.29 4.15
CAI 5JC C . 4.31 -17.56 2.84
CAF 5JC C . 4.96 -18.46 1.83
CAH 5JC C . 5.63 -17.91 0.81
CL2 5JC C . 6.39 -18.98 -0.33
CAE 5JC C . 5.72 -16.41 0.66
CAD 5JC C . 5.13 -15.61 1.57
CAG 5JC C . 4.38 -16.23 2.72
OAA 5JC C . 3.76 -15.41 3.68
H061 5JC C . 5.19 -14.64 1.48
H071 5JC C . 4.90 -19.43 1.93
H081 5JC C . 6.22 -16.02 -0.09
H031 5JC C . 4.37 -15.09 4.24
ZN ZN D . -5.27 -14.90 8.44
ZN ZN E . -0.10 14.36 -10.90
CL1 5JC F . 1.16 18.90 -2.00
CAI 5JC F . 1.14 18.22 -0.37
CAF 5JC F . 0.67 19.12 0.73
CAH 5JC F . 0.63 18.66 1.99
CL2 5JC F . 0.09 19.74 3.26
CAE 5JC F . 1.04 17.23 2.30
CAD 5JC F . 1.46 16.42 1.31
CAG 5JC F . 1.51 16.95 -0.12
OAA 5JC F . 1.95 16.10 -1.16
H061 5JC F . 1.73 15.51 1.51
H071 5JC F . 0.40 20.04 0.54
H081 5JC F . 1.01 16.91 3.21
H031 5JC F . 1.24 15.77 -1.59
#